data_7OEV
#
_entry.id   7OEV
#
_cell.length_a   1.00
_cell.length_b   1.00
_cell.length_c   1.00
_cell.angle_alpha   90.00
_cell.angle_beta   90.00
_cell.angle_gamma   90.00
#
_symmetry.space_group_name_H-M   'P 1'
#
loop_
_entity.id
_entity.type
_entity.pdbx_description
1 polymer 'Capsid protein'
2 polymer GSLLGRMKGA
#
loop_
_entity_poly.entity_id
_entity_poly.type
_entity_poly.pdbx_seq_one_letter_code
_entity_poly.pdbx_strand_id
1 'polypeptide(L)'
;MDIDPYKEFGATVELLSFLPSDFFPSVRDLLDTASALYREALESPEHCSPHHTALRQAILCWGELMTLATWVGVNLEDPA
SRDLVVSYVNTNMGLKLRQLLWFHISCLTFGRETVIEYLVSFGVWIRTPPAYRPPNAPILSTLPETTVVRRRGRSPRRRT
PSPRRRRSQSPRRRRSQSRESQC
;
B,A,C,D
2 'polypeptide(L)' (UNK)(UNK)(UNK)(UNK)(UNK)(UNK)(UNK)(UNK)(UNK)(UNK)GSLLGRMKGA E,F
#
# COMPACT_ATOMS: atom_id res chain seq x y z
N MET A 1 -21.49 -18.87 22.28
CA MET A 1 -22.87 -18.50 21.85
C MET A 1 -23.24 -19.25 20.57
N ASP A 2 -22.42 -20.23 20.20
CA ASP A 2 -22.67 -21.06 19.02
C ASP A 2 -22.82 -20.20 17.76
N ILE A 3 -21.73 -19.51 17.43
CA ILE A 3 -21.69 -18.60 16.29
C ILE A 3 -20.86 -19.23 15.19
N ASP A 4 -21.42 -19.25 13.98
CA ASP A 4 -20.71 -19.68 12.78
C ASP A 4 -20.41 -18.46 11.94
N PRO A 5 -19.14 -18.10 11.71
CA PRO A 5 -18.86 -16.84 11.00
C PRO A 5 -19.25 -16.85 9.53
N TYR A 6 -19.72 -17.98 9.00
CA TYR A 6 -20.14 -18.06 7.61
C TYR A 6 -21.63 -18.24 7.43
N LYS A 7 -22.32 -18.75 8.45
CA LYS A 7 -23.77 -18.91 8.36
C LYS A 7 -24.45 -17.63 7.92
N GLU A 8 -23.92 -16.48 8.31
CA GLU A 8 -24.43 -15.20 7.86
C GLU A 8 -24.19 -14.98 6.37
N PHE A 9 -23.22 -15.69 5.79
CA PHE A 9 -22.87 -15.53 4.39
C PHE A 9 -23.27 -16.72 3.54
N GLY A 10 -24.01 -17.67 4.11
CA GLY A 10 -24.51 -18.80 3.36
C GLY A 10 -23.60 -20.00 3.33
N ALA A 11 -22.63 -20.07 4.22
CA ALA A 11 -21.71 -21.19 4.29
C ALA A 11 -21.74 -21.78 5.69
N THR A 12 -20.80 -22.67 5.96
CA THR A 12 -20.70 -23.34 7.25
C THR A 12 -19.27 -23.86 7.40
N VAL A 13 -18.91 -24.19 8.63
CA VAL A 13 -17.59 -24.76 8.86
C VAL A 13 -17.54 -26.18 8.33
N GLU A 14 -18.68 -26.86 8.27
CA GLU A 14 -18.72 -28.20 7.71
C GLU A 14 -18.54 -28.20 6.20
N LEU A 15 -18.79 -27.06 5.55
CA LEU A 15 -18.57 -26.94 4.12
C LEU A 15 -17.11 -26.62 3.81
N LEU A 16 -16.48 -25.84 4.68
CA LEU A 16 -15.05 -25.59 4.61
C LEU A 16 -14.24 -26.58 5.43
N SER A 17 -14.90 -27.53 6.08
CA SER A 17 -14.21 -28.57 6.83
C SER A 17 -13.45 -29.55 5.94
N PHE A 18 -13.64 -29.47 4.62
CA PHE A 18 -13.03 -30.38 3.68
C PHE A 18 -11.75 -29.83 3.08
N LEU A 19 -11.79 -28.59 2.62
CA LEU A 19 -10.62 -27.90 2.11
C LEU A 19 -9.42 -28.13 3.02
N PRO A 20 -8.36 -28.76 2.55
CA PRO A 20 -7.22 -29.04 3.43
C PRO A 20 -6.44 -27.78 3.74
N SER A 21 -5.57 -27.91 4.75
CA SER A 21 -4.66 -26.81 5.08
C SER A 21 -3.78 -26.44 3.90
N ASP A 22 -3.49 -27.41 3.03
CA ASP A 22 -2.65 -27.18 1.87
C ASP A 22 -3.30 -26.25 0.86
N PHE A 23 -4.58 -25.97 1.00
CA PHE A 23 -5.34 -25.22 0.01
C PHE A 23 -5.28 -23.71 0.21
N PHE A 24 -4.92 -23.27 1.39
CA PHE A 24 -5.06 -21.87 1.73
C PHE A 24 -3.71 -21.19 1.68
N PRO A 25 -3.58 -20.06 0.99
CA PRO A 25 -2.31 -19.34 0.99
C PRO A 25 -1.95 -18.86 2.39
N SER A 26 -0.68 -18.55 2.57
CA SER A 26 -0.22 -18.05 3.85
C SER A 26 -0.94 -16.75 4.21
N VAL A 27 -0.92 -16.44 5.50
CA VAL A 27 -1.65 -15.26 5.97
C VAL A 27 -1.02 -14.01 5.40
N ARG A 28 0.31 -14.00 5.25
CA ARG A 28 0.95 -12.84 4.63
C ARG A 28 0.47 -12.68 3.20
N ASP A 29 0.35 -13.78 2.46
CA ASP A 29 -0.12 -13.71 1.08
C ASP A 29 -1.54 -13.18 1.01
N LEU A 30 -2.40 -13.63 1.93
CA LEU A 30 -3.80 -13.19 1.89
C LEU A 30 -3.92 -11.73 2.30
N LEU A 31 -3.15 -11.31 3.29
CA LEU A 31 -3.18 -9.91 3.70
C LEU A 31 -2.63 -9.00 2.61
N ASP A 32 -1.62 -9.47 1.87
CA ASP A 32 -1.14 -8.71 0.72
C ASP A 32 -2.21 -8.62 -0.36
N THR A 33 -2.87 -9.74 -0.65
CA THR A 33 -3.96 -9.72 -1.62
C THR A 33 -5.02 -8.70 -1.22
N ALA A 34 -5.39 -8.67 0.05
CA ALA A 34 -6.36 -7.68 0.52
C ALA A 34 -5.82 -6.26 0.35
N SER A 35 -4.66 -5.99 0.94
CA SER A 35 -4.07 -4.66 0.85
C SER A 35 -3.98 -4.16 -0.59
N ALA A 36 -3.83 -5.07 -1.54
CA ALA A 36 -3.63 -4.68 -2.93
C ALA A 36 -4.91 -4.63 -3.75
N LEU A 37 -5.96 -5.33 -3.33
CA LEU A 37 -7.20 -5.35 -4.08
C LEU A 37 -8.31 -4.51 -3.47
N TYR A 38 -8.34 -4.35 -2.16
CA TYR A 38 -9.48 -3.73 -1.48
C TYR A 38 -9.07 -2.78 -0.38
N ARG A 39 -7.85 -2.24 -0.40
CA ARG A 39 -7.40 -1.37 0.69
C ARG A 39 -8.21 -0.08 0.72
N GLU A 40 -8.46 0.52 -0.45
CA GLU A 40 -9.20 1.77 -0.50
C GLU A 40 -10.60 1.63 0.07
N ALA A 41 -11.10 0.41 0.21
CA ALA A 41 -12.42 0.16 0.76
C ALA A 41 -12.38 -0.38 2.18
N LEU A 42 -11.31 -1.07 2.56
CA LEU A 42 -11.17 -1.52 3.94
C LEU A 42 -10.76 -0.39 4.86
N GLU A 43 -10.02 0.59 4.33
CA GLU A 43 -9.69 1.79 5.07
C GLU A 43 -10.70 2.90 4.86
N SER A 44 -11.85 2.59 4.29
CA SER A 44 -12.89 3.56 4.01
C SER A 44 -13.86 3.69 5.16
N PRO A 45 -14.56 4.81 5.27
CA PRO A 45 -15.53 5.00 6.35
C PRO A 45 -16.91 4.46 6.04
N GLU A 46 -17.03 3.59 5.06
CA GLU A 46 -18.32 3.12 4.57
C GLU A 46 -18.48 1.63 4.80
N HIS A 47 -19.72 1.21 5.03
CA HIS A 47 -20.07 -0.21 5.07
C HIS A 47 -20.21 -0.69 3.63
N CYS A 48 -19.07 -0.86 2.98
CA CYS A 48 -19.11 -1.29 1.58
C CYS A 48 -19.79 -2.65 1.46
N SER A 49 -19.58 -3.52 2.43
CA SER A 49 -20.24 -4.82 2.43
C SER A 49 -19.93 -5.61 3.70
N PRO A 50 -20.78 -6.58 4.03
CA PRO A 50 -20.47 -7.47 5.16
C PRO A 50 -19.13 -8.14 5.01
N HIS A 51 -18.70 -8.37 3.77
CA HIS A 51 -17.40 -8.99 3.54
C HIS A 51 -16.28 -8.06 3.96
N HIS A 52 -16.41 -6.77 3.62
CA HIS A 52 -15.42 -5.80 4.07
C HIS A 52 -15.39 -5.70 5.59
N THR A 53 -16.57 -5.68 6.21
CA THR A 53 -16.62 -5.59 7.67
C THR A 53 -15.91 -6.79 8.31
N ALA A 54 -16.28 -8.00 7.89
CA ALA A 54 -15.68 -9.20 8.44
C ALA A 54 -14.18 -9.25 8.15
N LEU A 55 -13.76 -8.73 7.01
CA LEU A 55 -12.34 -8.74 6.67
C LEU A 55 -11.56 -7.81 7.58
N ARG A 56 -12.10 -6.62 7.83
CA ARG A 56 -11.48 -5.71 8.79
C ARG A 56 -11.34 -6.37 10.16
N GLN A 57 -12.42 -7.00 10.62
CA GLN A 57 -12.39 -7.62 11.94
C GLN A 57 -11.38 -8.77 11.99
N ALA A 58 -11.30 -9.55 10.92
CA ALA A 58 -10.35 -10.65 10.88
C ALA A 58 -8.91 -10.14 10.90
N ILE A 59 -8.63 -9.08 10.15
CA ILE A 59 -7.30 -8.49 10.15
C ILE A 59 -6.93 -8.00 11.55
N LEU A 60 -7.87 -7.34 12.23
CA LEU A 60 -7.61 -6.90 13.60
C LEU A 60 -7.31 -8.08 14.51
N CYS A 61 -8.14 -9.13 14.43
CA CYS A 61 -7.90 -10.32 15.25
C CYS A 61 -6.52 -10.90 15.01
N TRP A 62 -6.11 -10.98 13.74
CA TRP A 62 -4.80 -11.56 13.44
C TRP A 62 -3.69 -10.70 13.99
N GLY A 63 -3.76 -9.39 13.78
CA GLY A 63 -2.75 -8.52 14.35
C GLY A 63 -2.64 -8.67 15.85
N GLU A 64 -3.78 -8.84 16.51
CA GLU A 64 -3.78 -8.96 17.96
C GLU A 64 -3.16 -10.28 18.41
N LEU A 65 -3.56 -11.37 17.77
CA LEU A 65 -2.97 -12.67 18.07
C LEU A 65 -1.47 -12.66 17.83
N MET A 66 -1.03 -11.98 16.77
CA MET A 66 0.39 -11.88 16.49
C MET A 66 1.12 -11.12 17.58
N THR A 67 0.57 -9.98 18.01
CA THR A 67 1.18 -9.27 19.13
C THR A 67 1.33 -10.20 20.34
N LEU A 68 0.25 -10.89 20.69
CA LEU A 68 0.28 -11.77 21.85
C LEU A 68 1.36 -12.83 21.70
N ALA A 69 1.32 -13.59 20.61
CA ALA A 69 2.23 -14.71 20.45
C ALA A 69 3.68 -14.25 20.34
N THR A 70 3.92 -13.12 19.68
CA THR A 70 5.27 -12.58 19.56
C THR A 70 5.82 -12.20 20.92
N TRP A 71 5.01 -11.50 21.72
CA TRP A 71 5.45 -11.15 23.07
C TRP A 71 5.73 -12.40 23.89
N VAL A 72 4.83 -13.38 23.81
CA VAL A 72 5.02 -14.63 24.55
C VAL A 72 6.35 -15.27 24.15
N GLY A 73 6.58 -15.42 22.85
CA GLY A 73 7.81 -16.03 22.40
C GLY A 73 9.05 -15.28 22.86
N VAL A 74 9.10 -13.97 22.58
CA VAL A 74 10.29 -13.20 22.95
C VAL A 74 10.53 -13.26 24.44
N ASN A 75 9.47 -13.49 25.23
CA ASN A 75 9.64 -13.64 26.71
C ASN A 75 9.97 -15.10 27.07
N LEU A 76 9.62 -16.07 26.21
CA LEU A 76 10.04 -17.48 26.44
C LEU A 76 11.38 -17.60 25.74
N GLU A 77 12.50 -17.55 26.47
CA GLU A 77 13.84 -17.52 25.82
C GLU A 77 14.05 -18.79 24.99
N ASP A 78 13.58 -19.93 25.48
CA ASP A 78 13.78 -21.21 24.76
C ASP A 78 13.21 -21.14 23.34
N PRO A 79 14.03 -21.18 22.24
CA PRO A 79 13.48 -21.27 20.87
C PRO A 79 12.65 -22.52 20.63
N ALA A 80 12.89 -23.60 21.36
CA ALA A 80 12.05 -24.78 21.23
C ALA A 80 10.60 -24.46 21.61
N SER A 81 10.41 -23.90 22.80
CA SER A 81 9.06 -23.51 23.22
C SER A 81 8.49 -22.42 22.34
N ARG A 82 9.34 -21.50 21.85
CA ARG A 82 8.87 -20.48 20.93
C ARG A 82 8.30 -21.11 19.66
N ASP A 83 9.04 -22.01 19.05
CA ASP A 83 8.57 -22.69 17.85
C ASP A 83 7.36 -23.56 18.16
N LEU A 84 7.24 -24.06 19.38
CA LEU A 84 6.06 -24.84 19.74
C LEU A 84 4.81 -23.97 19.76
N VAL A 85 4.88 -22.82 20.42
CA VAL A 85 3.73 -21.91 20.43
C VAL A 85 3.44 -21.43 19.01
N VAL A 86 4.48 -21.23 18.21
CA VAL A 86 4.29 -20.79 16.84
C VAL A 86 3.57 -21.85 16.03
N SER A 87 3.96 -23.12 16.21
CA SER A 87 3.24 -24.21 15.56
C SER A 87 1.79 -24.23 15.97
N TYR A 88 1.52 -24.10 17.27
CA TYR A 88 0.14 -24.13 17.73
C TYR A 88 -0.68 -23.03 17.07
N VAL A 89 -0.17 -21.80 17.10
CA VAL A 89 -0.94 -20.69 16.54
C VAL A 89 -1.14 -20.88 15.05
N ASN A 90 -0.06 -21.13 14.30
CA ASN A 90 -0.18 -21.31 12.86
C ASN A 90 -1.06 -22.50 12.50
N THR A 91 -1.23 -23.47 13.40
CA THR A 91 -2.04 -24.63 13.07
C THR A 91 -3.52 -24.37 13.34
N ASN A 92 -3.84 -23.76 14.47
CA ASN A 92 -5.24 -23.53 14.81
C ASN A 92 -5.73 -22.17 14.36
N MET A 93 -5.15 -21.10 14.91
CA MET A 93 -5.69 -19.77 14.67
C MET A 93 -5.23 -19.24 13.33
N GLY A 94 -3.99 -19.52 12.94
CA GLY A 94 -3.56 -19.18 11.60
C GLY A 94 -4.40 -19.86 10.54
N LEU A 95 -4.73 -21.13 10.77
CA LEU A 95 -5.55 -21.85 9.80
C LEU A 95 -6.95 -21.27 9.73
N LYS A 96 -7.55 -20.97 10.88
CA LYS A 96 -8.87 -20.37 10.87
C LYS A 96 -8.87 -19.02 10.17
N LEU A 97 -7.82 -18.23 10.40
CA LEU A 97 -7.73 -16.92 9.75
C LEU A 97 -7.55 -17.05 8.25
N ARG A 98 -6.70 -17.98 7.81
CA ARG A 98 -6.56 -18.23 6.38
C ARG A 98 -7.90 -18.63 5.77
N GLN A 99 -8.58 -19.58 6.40
CA GLN A 99 -9.90 -20.02 5.95
C GLN A 99 -10.85 -18.83 5.79
N LEU A 100 -10.93 -17.98 6.81
CA LEU A 100 -11.88 -16.87 6.79
C LEU A 100 -11.50 -15.83 5.73
N LEU A 101 -10.24 -15.40 5.74
CA LEU A 101 -9.78 -14.41 4.77
C LEU A 101 -9.97 -14.92 3.35
N TRP A 102 -9.65 -16.18 3.10
CA TRP A 102 -9.87 -16.75 1.79
C TRP A 102 -11.34 -16.70 1.42
N PHE A 103 -12.22 -17.14 2.32
CA PHE A 103 -13.64 -17.10 2.01
C PHE A 103 -14.08 -15.71 1.60
N HIS A 104 -13.65 -14.69 2.34
CA HIS A 104 -14.17 -13.36 2.10
C HIS A 104 -13.56 -12.72 0.86
N ILE A 105 -12.25 -12.88 0.67
CA ILE A 105 -11.61 -12.37 -0.54
C ILE A 105 -12.19 -13.03 -1.77
N SER A 106 -12.32 -14.36 -1.73
CA SER A 106 -12.88 -15.08 -2.88
C SER A 106 -14.32 -14.70 -3.14
N CYS A 107 -15.11 -14.46 -2.09
CA CYS A 107 -16.45 -13.97 -2.31
C CYS A 107 -16.42 -12.62 -3.03
N LEU A 108 -15.76 -11.64 -2.43
CA LEU A 108 -15.66 -10.31 -3.06
C LEU A 108 -15.20 -10.42 -4.51
N THR A 109 -14.31 -11.38 -4.79
CA THR A 109 -13.74 -11.46 -6.13
C THR A 109 -14.68 -12.12 -7.13
N PHE A 110 -15.09 -13.36 -6.85
CA PHE A 110 -15.86 -14.14 -7.80
C PHE A 110 -17.36 -14.08 -7.60
N GLY A 111 -17.84 -14.10 -6.37
CA GLY A 111 -19.25 -14.21 -6.09
C GLY A 111 -19.53 -15.27 -5.04
N ARG A 112 -20.52 -14.99 -4.20
N ARG A 112 -20.52 -14.99 -4.20
CA ARG A 112 -20.90 -15.91 -3.13
CA ARG A 112 -20.90 -15.91 -3.13
C ARG A 112 -21.44 -17.21 -3.68
C ARG A 112 -21.44 -17.21 -3.69
N GLU A 113 -22.35 -17.13 -4.66
CA GLU A 113 -22.88 -18.35 -5.27
C GLU A 113 -21.77 -19.16 -5.92
N THR A 114 -20.86 -18.49 -6.63
CA THR A 114 -19.75 -19.18 -7.25
C THR A 114 -18.86 -19.88 -6.23
N VAL A 115 -18.53 -19.20 -5.14
CA VAL A 115 -17.70 -19.79 -4.10
C VAL A 115 -18.39 -20.97 -3.42
N ILE A 116 -19.70 -20.90 -3.21
CA ILE A 116 -20.38 -22.01 -2.56
C ILE A 116 -20.49 -23.20 -3.51
N GLU A 117 -20.77 -22.96 -4.79
CA GLU A 117 -20.71 -24.03 -5.76
C GLU A 117 -19.33 -24.67 -5.78
N TYR A 118 -18.28 -23.86 -5.73
CA TYR A 118 -16.93 -24.40 -5.73
C TYR A 118 -16.68 -25.25 -4.50
N LEU A 119 -17.21 -24.83 -3.35
CA LEU A 119 -17.01 -25.61 -2.14
C LEU A 119 -17.74 -26.94 -2.21
N VAL A 120 -18.97 -26.93 -2.74
CA VAL A 120 -19.71 -28.17 -2.91
C VAL A 120 -18.94 -29.12 -3.81
N SER A 121 -18.47 -28.64 -4.96
CA SER A 121 -17.77 -29.49 -5.89
C SER A 121 -16.44 -29.97 -5.34
N PHE A 122 -15.69 -29.10 -4.68
CA PHE A 122 -14.44 -29.51 -4.04
C PHE A 122 -14.69 -30.55 -2.96
N GLY A 123 -15.83 -30.48 -2.28
CA GLY A 123 -16.15 -31.52 -1.32
C GLY A 123 -16.44 -32.84 -2.01
N VAL A 124 -17.26 -32.79 -3.06
CA VAL A 124 -17.48 -33.99 -3.88
C VAL A 124 -16.15 -34.60 -4.29
N TRP A 125 -15.17 -33.76 -4.58
CA TRP A 125 -13.88 -34.24 -5.08
C TRP A 125 -13.04 -34.85 -3.95
N ILE A 126 -12.85 -34.11 -2.87
CA ILE A 126 -11.95 -34.55 -1.81
C ILE A 126 -12.55 -35.66 -0.96
N ARG A 127 -13.88 -35.83 -0.99
CA ARG A 127 -14.48 -37.00 -0.35
C ARG A 127 -14.26 -38.26 -1.17
N THR A 128 -14.10 -38.11 -2.47
CA THR A 128 -13.93 -39.23 -3.36
C THR A 128 -12.52 -39.80 -3.24
N PRO A 129 -12.37 -41.13 -3.27
CA PRO A 129 -11.03 -41.70 -3.20
C PRO A 129 -10.20 -41.32 -4.41
N PRO A 130 -8.87 -41.28 -4.27
CA PRO A 130 -8.04 -40.89 -5.42
C PRO A 130 -8.15 -41.83 -6.60
N ALA A 131 -8.34 -43.11 -6.36
CA ALA A 131 -8.44 -44.07 -7.44
C ALA A 131 -9.68 -43.88 -8.28
N TYR A 132 -10.60 -43.03 -7.85
CA TYR A 132 -11.85 -42.80 -8.55
C TYR A 132 -12.12 -41.34 -8.84
N ARG A 133 -11.32 -40.42 -8.32
CA ARG A 133 -11.52 -39.03 -8.65
C ARG A 133 -10.48 -38.56 -9.67
N PRO A 134 -10.82 -37.55 -10.46
CA PRO A 134 -9.80 -36.93 -11.30
C PRO A 134 -8.65 -36.42 -10.45
N PRO A 135 -7.44 -36.45 -10.98
CA PRO A 135 -6.28 -36.07 -10.17
C PRO A 135 -6.16 -34.57 -9.97
N ASN A 136 -6.56 -33.81 -10.98
CA ASN A 136 -6.46 -32.36 -10.95
C ASN A 136 -7.71 -31.79 -10.29
N ALA A 137 -7.53 -31.17 -9.13
CA ALA A 137 -8.60 -30.60 -8.34
C ALA A 137 -9.42 -29.61 -9.16
N PRO A 138 -10.62 -29.28 -8.71
CA PRO A 138 -11.34 -28.15 -9.32
C PRO A 138 -10.72 -26.84 -8.92
N ILE A 139 -10.83 -25.86 -9.80
CA ILE A 139 -10.03 -24.65 -9.73
C ILE A 139 -10.93 -23.43 -9.84
N LEU A 140 -10.70 -22.45 -8.99
CA LEU A 140 -11.40 -21.18 -8.99
C LEU A 140 -10.40 -20.10 -9.34
N SER A 141 -10.61 -19.42 -10.48
CA SER A 141 -9.62 -18.49 -10.98
C SER A 141 -10.31 -17.41 -11.79
N THR A 142 -9.61 -16.29 -11.95
CA THR A 142 -10.07 -15.17 -12.77
C THR A 142 -9.56 -15.27 -14.20
N LEU A 143 -9.08 -16.45 -14.60
CA LEU A 143 -8.36 -16.62 -15.84
C LEU A 143 -8.80 -17.91 -16.51
N PRO A 144 -8.69 -18.00 -17.83
CA PRO A 144 -8.76 -19.31 -18.49
C PRO A 144 -7.56 -20.14 -18.09
N GLU A 145 -7.79 -21.46 -17.94
CA GLU A 145 -6.73 -22.32 -17.44
C GLU A 145 -5.52 -22.34 -18.36
N THR A 146 -5.64 -21.80 -19.58
CA THR A 146 -4.45 -21.58 -20.40
C THR A 146 -3.62 -20.42 -19.88
N THR A 147 -4.22 -19.51 -19.12
CA THR A 147 -3.51 -18.39 -18.49
C THR A 147 -2.81 -17.54 -19.54
N VAL A 148 -3.64 -16.91 -20.37
CA VAL A 148 -3.20 -15.90 -21.33
C VAL A 148 -4.25 -14.80 -21.36
N VAL A 149 -3.78 -13.55 -21.42
CA VAL A 149 -4.64 -12.37 -21.34
C VAL A 149 -4.50 -11.58 -22.64
N ARG A 150 -5.59 -10.97 -23.06
CA ARG A 150 -5.62 -10.19 -24.29
C ARG A 150 -6.47 -8.94 -24.13
N MET B 1 -2.08 -2.22 6.15
CA MET B 1 -3.37 -1.48 6.26
C MET B 1 -3.44 -0.73 7.58
N ASP B 2 -4.24 0.34 7.60
CA ASP B 2 -4.41 1.16 8.79
C ASP B 2 -5.87 1.14 9.22
N ILE B 3 -6.46 -0.06 9.28
CA ILE B 3 -7.88 -0.19 9.53
C ILE B 3 -8.23 0.36 10.90
N ASP B 4 -9.24 1.23 10.92
CA ASP B 4 -9.84 1.67 12.17
C ASP B 4 -11.19 0.99 12.32
N PRO B 5 -11.40 0.15 13.34
CA PRO B 5 -12.62 -0.67 13.38
C PRO B 5 -13.89 0.11 13.66
N TYR B 6 -13.80 1.41 13.93
CA TYR B 6 -14.97 2.24 14.19
C TYR B 6 -15.22 3.28 13.12
N LYS B 7 -14.31 3.43 12.17
CA LYS B 7 -14.45 4.48 11.17
C LYS B 7 -15.69 4.27 10.31
N GLU B 8 -16.02 3.02 10.01
CA GLU B 8 -17.25 2.75 9.26
C GLU B 8 -18.49 2.96 10.10
N PHE B 9 -18.35 3.02 11.42
CA PHE B 9 -19.45 3.28 12.32
C PHE B 9 -19.48 4.71 12.83
N GLY B 10 -18.58 5.56 12.33
CA GLY B 10 -18.64 6.97 12.61
C GLY B 10 -17.76 7.45 13.73
N ALA B 11 -17.05 6.55 14.39
CA ALA B 11 -16.17 6.88 15.49
C ALA B 11 -14.72 6.69 15.07
N THR B 12 -13.83 6.84 16.03
CA THR B 12 -12.40 6.67 15.81
C THR B 12 -11.77 6.24 17.11
N VAL B 13 -10.53 5.77 17.02
CA VAL B 13 -9.81 5.36 18.23
C VAL B 13 -9.45 6.55 19.08
N GLU B 14 -9.45 7.76 18.51
CA GLU B 14 -9.22 8.96 19.29
C GLU B 14 -10.46 9.39 20.05
N LEU B 15 -11.64 9.05 19.54
CA LEU B 15 -12.88 9.38 20.23
C LEU B 15 -13.09 8.46 21.43
N LEU B 16 -12.84 7.16 21.26
CA LEU B 16 -12.96 6.22 22.36
C LEU B 16 -11.78 6.29 23.32
N SER B 17 -10.73 7.03 22.99
CA SER B 17 -9.67 7.28 23.95
C SER B 17 -10.11 8.26 25.03
N PHE B 18 -11.22 8.97 24.81
CA PHE B 18 -11.83 9.77 25.87
C PHE B 18 -12.12 8.91 27.08
N LEU B 19 -12.97 7.92 26.91
CA LEU B 19 -13.23 6.96 27.97
C LEU B 19 -11.91 6.36 28.44
N PRO B 20 -11.71 6.16 29.74
CA PRO B 20 -10.50 5.47 30.20
C PRO B 20 -10.56 3.98 29.93
N SER B 21 -9.56 3.26 30.41
CA SER B 21 -9.57 1.80 30.36
C SER B 21 -10.31 1.18 31.53
N ASP B 22 -10.44 1.91 32.63
CA ASP B 22 -11.17 1.44 33.81
C ASP B 22 -12.68 1.55 33.65
N PHE B 23 -13.15 2.02 32.51
CA PHE B 23 -14.57 2.28 32.31
C PHE B 23 -15.30 1.09 31.70
N PHE B 24 -14.64 0.34 30.85
CA PHE B 24 -15.31 -0.68 30.07
C PHE B 24 -15.58 -1.90 30.93
N PRO B 25 -16.80 -2.44 30.90
CA PRO B 25 -17.12 -3.58 31.76
C PRO B 25 -16.26 -4.79 31.46
N SER B 26 -16.42 -5.83 32.28
CA SER B 26 -15.71 -7.07 32.04
C SER B 26 -16.29 -7.79 30.83
N VAL B 27 -15.45 -8.60 30.21
CA VAL B 27 -15.88 -9.30 29.01
C VAL B 27 -16.98 -10.29 29.33
N ARG B 28 -16.95 -10.88 30.52
CA ARG B 28 -18.04 -11.76 30.94
C ARG B 28 -19.36 -11.01 30.99
N ASP B 29 -19.36 -9.82 31.60
CA ASP B 29 -20.57 -9.00 31.65
C ASP B 29 -21.05 -8.66 30.24
N LEU B 30 -20.13 -8.27 29.36
CA LEU B 30 -20.52 -7.86 28.03
C LEU B 30 -21.09 -9.02 27.24
N LEU B 31 -20.48 -10.20 27.36
CA LEU B 31 -20.99 -11.36 26.64
C LEU B 31 -22.32 -11.83 27.22
N ASP B 32 -22.51 -11.71 28.54
CA ASP B 32 -23.80 -12.03 29.13
C ASP B 32 -24.88 -11.11 28.58
N THR B 33 -24.60 -9.81 28.53
CA THR B 33 -25.53 -8.86 27.92
C THR B 33 -25.81 -9.24 26.47
N ALA B 34 -24.77 -9.50 25.69
CA ALA B 34 -24.94 -9.82 24.29
C ALA B 34 -25.82 -11.05 24.12
N SER B 35 -25.56 -12.09 24.88
CA SER B 35 -26.41 -13.28 24.85
C SER B 35 -27.84 -12.86 25.12
N ALA B 36 -28.07 -12.39 26.36
CA ALA B 36 -29.42 -12.08 26.82
C ALA B 36 -30.22 -11.27 25.81
N LEU B 37 -29.56 -10.36 25.09
CA LEU B 37 -30.29 -9.41 24.26
C LEU B 37 -30.33 -9.78 22.78
N TYR B 38 -29.31 -10.46 22.25
CA TYR B 38 -29.21 -10.68 20.81
C TYR B 38 -28.68 -12.08 20.49
N ARG B 39 -28.94 -13.08 21.33
CA ARG B 39 -28.45 -14.42 21.01
C ARG B 39 -29.06 -14.93 19.73
N GLU B 40 -30.39 -14.82 19.61
CA GLU B 40 -31.08 -15.34 18.45
C GLU B 40 -30.74 -14.57 17.18
N ALA B 41 -30.23 -13.35 17.30
CA ALA B 41 -29.86 -12.56 16.14
C ALA B 41 -28.41 -12.73 15.76
N LEU B 42 -27.55 -13.07 16.71
CA LEU B 42 -26.16 -13.37 16.39
C LEU B 42 -26.01 -14.79 15.87
N GLU B 43 -26.80 -15.72 16.40
CA GLU B 43 -26.86 -17.07 15.87
C GLU B 43 -27.69 -17.18 14.59
N SER B 44 -28.16 -16.07 14.07
CA SER B 44 -29.06 -16.11 12.93
C SER B 44 -28.30 -16.08 11.61
N PRO B 45 -28.88 -16.64 10.56
CA PRO B 45 -28.30 -16.57 9.21
C PRO B 45 -28.79 -15.35 8.42
N GLU B 46 -28.34 -14.17 8.84
CA GLU B 46 -28.85 -12.95 8.23
C GLU B 46 -27.93 -11.79 8.59
N HIS B 47 -27.67 -10.94 7.60
CA HIS B 47 -26.95 -9.69 7.86
C HIS B 47 -27.89 -8.73 8.55
N CYS B 48 -28.23 -9.02 9.81
CA CYS B 48 -29.18 -8.15 10.50
C CYS B 48 -28.65 -6.74 10.61
N SER B 49 -27.33 -6.59 10.72
CA SER B 49 -26.71 -5.28 10.72
C SER B 49 -25.19 -5.41 10.78
N PRO B 50 -24.47 -4.36 10.39
CA PRO B 50 -23.01 -4.37 10.55
C PRO B 50 -22.57 -4.58 11.98
N HIS B 51 -23.37 -4.10 12.93
CA HIS B 51 -23.02 -4.28 14.33
C HIS B 51 -23.05 -5.74 14.71
N HIS B 52 -24.02 -6.50 14.19
CA HIS B 52 -24.02 -7.94 14.37
C HIS B 52 -22.83 -8.58 13.67
N THR B 53 -22.62 -8.21 12.40
CA THR B 53 -21.53 -8.77 11.63
C THR B 53 -20.19 -8.59 12.32
N ALA B 54 -20.06 -7.53 13.12
CA ALA B 54 -18.81 -7.25 13.81
C ALA B 54 -18.78 -7.85 15.21
N LEU B 55 -19.91 -7.90 15.89
CA LEU B 55 -19.97 -8.49 17.22
C LEU B 55 -19.70 -9.99 17.16
N ARG B 56 -20.18 -10.66 16.12
CA ARG B 56 -19.86 -12.07 15.94
C ARG B 56 -18.36 -12.28 15.85
N GLN B 57 -17.69 -11.49 15.00
CA GLN B 57 -16.25 -11.63 14.83
C GLN B 57 -15.50 -11.29 16.10
N ALA B 58 -16.00 -10.31 16.86
CA ALA B 58 -15.36 -9.96 18.12
C ALA B 58 -15.45 -11.11 19.12
N ILE B 59 -16.62 -11.74 19.20
CA ILE B 59 -16.79 -12.89 20.10
C ILE B 59 -15.86 -14.01 19.68
N LEU B 60 -15.74 -14.28 18.38
CA LEU B 60 -14.85 -15.33 17.93
C LEU B 60 -13.39 -15.00 18.22
N CYS B 61 -13.00 -13.74 18.05
CA CYS B 61 -11.64 -13.34 18.37
C CYS B 61 -11.34 -13.53 19.85
N TRP B 62 -12.29 -13.15 20.72
CA TRP B 62 -12.10 -13.39 22.14
C TRP B 62 -11.97 -14.87 22.42
N GLY B 63 -12.78 -15.70 21.76
CA GLY B 63 -12.65 -17.13 21.94
C GLY B 63 -11.27 -17.64 21.58
N GLU B 64 -10.76 -17.21 20.42
CA GLU B 64 -9.44 -17.66 19.99
C GLU B 64 -8.36 -17.20 20.96
N LEU B 65 -8.44 -15.95 21.40
CA LEU B 65 -7.44 -15.42 22.32
C LEU B 65 -7.45 -16.17 23.64
N MET B 66 -8.64 -16.40 24.20
CA MET B 66 -8.73 -17.15 25.45
C MET B 66 -8.23 -18.58 25.28
N THR B 67 -8.54 -19.19 24.13
CA THR B 67 -8.03 -20.54 23.86
C THR B 67 -6.51 -20.56 23.88
N LEU B 68 -5.90 -19.63 23.15
CA LEU B 68 -4.44 -19.59 23.10
C LEU B 68 -3.85 -19.36 24.48
N ALA B 69 -4.40 -18.40 25.22
CA ALA B 69 -3.84 -18.08 26.54
C ALA B 69 -4.01 -19.24 27.51
N THR B 70 -5.15 -19.92 27.46
CA THR B 70 -5.36 -21.09 28.30
C THR B 70 -4.36 -22.18 27.98
N TRP B 71 -4.21 -22.49 26.69
CA TRP B 71 -3.24 -23.51 26.29
C TRP B 71 -1.83 -23.14 26.77
N VAL B 72 -1.45 -21.87 26.59
CA VAL B 72 -0.14 -21.41 27.03
C VAL B 72 0.02 -21.63 28.53
N GLY B 73 -0.93 -21.11 29.32
CA GLY B 73 -0.83 -21.24 30.76
C GLY B 73 -0.73 -22.69 31.20
N VAL B 74 -1.54 -23.56 30.60
CA VAL B 74 -1.53 -24.97 30.98
C VAL B 74 -0.17 -25.59 30.67
N ASN B 75 0.35 -25.34 29.46
CA ASN B 75 1.65 -25.87 29.08
C ASN B 75 2.80 -25.09 29.71
N LEU B 76 2.50 -24.12 30.56
CA LEU B 76 3.52 -23.31 31.23
C LEU B 76 3.85 -23.92 32.58
N GLU B 77 4.99 -23.49 33.14
CA GLU B 77 5.55 -24.11 34.34
C GLU B 77 5.39 -23.26 35.59
N ASP B 78 5.80 -22.00 35.50
CA ASP B 78 5.78 -21.12 36.69
C ASP B 78 4.40 -20.47 36.86
N PRO B 79 3.73 -20.52 38.05
CA PRO B 79 2.46 -19.79 38.23
C PRO B 79 2.63 -18.28 38.17
N ALA B 80 3.78 -17.76 38.58
CA ALA B 80 4.02 -16.33 38.45
C ALA B 80 4.01 -15.92 36.98
N SER B 81 4.75 -16.68 36.17
CA SER B 81 4.77 -16.43 34.71
C SER B 81 3.37 -16.61 34.09
N ARG B 82 2.57 -17.56 34.57
CA ARG B 82 1.20 -17.75 34.10
C ARG B 82 0.36 -16.52 34.40
N ASP B 83 0.37 -16.07 35.65
CA ASP B 83 -0.39 -14.88 36.00
C ASP B 83 0.14 -13.65 35.28
N LEU B 84 1.42 -13.69 34.93
CA LEU B 84 2.05 -12.57 34.18
C LEU B 84 1.42 -12.49 32.79
N VAL B 85 1.43 -13.60 32.05
CA VAL B 85 0.82 -13.62 30.72
C VAL B 85 -0.66 -13.29 30.82
N VAL B 86 -1.32 -13.73 31.90
CA VAL B 86 -2.72 -13.39 32.10
C VAL B 86 -2.89 -11.88 32.24
N SER B 87 -2.02 -11.24 33.01
CA SER B 87 -2.10 -9.78 33.14
C SER B 87 -1.90 -9.10 31.80
N TYR B 88 -0.93 -9.56 31.01
CA TYR B 88 -0.68 -8.94 29.72
C TYR B 88 -1.88 -9.08 28.80
N VAL B 89 -2.39 -10.30 28.65
CA VAL B 89 -3.55 -10.51 27.78
C VAL B 89 -4.71 -9.67 28.29
N ASN B 90 -4.99 -9.72 29.59
CA ASN B 90 -6.10 -8.95 30.13
C ASN B 90 -5.93 -7.51 29.72
N THR B 91 -4.92 -6.83 30.23
CA THR B 91 -4.81 -5.41 29.93
C THR B 91 -4.94 -5.18 28.43
N ASN B 92 -3.98 -5.62 27.63
CA ASN B 92 -3.99 -5.22 26.22
C ASN B 92 -5.22 -5.73 25.48
N MET B 93 -5.31 -7.05 25.35
CA MET B 93 -6.29 -7.65 24.48
C MET B 93 -7.70 -7.53 25.06
N GLY B 94 -7.85 -7.79 26.35
CA GLY B 94 -9.14 -7.57 26.97
C GLY B 94 -9.62 -6.15 26.80
N LEU B 95 -8.72 -5.17 26.98
CA LEU B 95 -9.13 -3.78 26.81
C LEU B 95 -9.65 -3.54 25.41
N LYS B 96 -8.90 -3.97 24.39
CA LYS B 96 -9.34 -3.70 23.03
C LYS B 96 -10.64 -4.45 22.71
N LEU B 97 -10.72 -5.72 23.13
CA LEU B 97 -11.90 -6.52 22.82
C LEU B 97 -13.14 -5.96 23.50
N ARG B 98 -13.00 -5.46 24.73
CA ARG B 98 -14.19 -4.94 25.40
C ARG B 98 -14.50 -3.53 24.97
N GLN B 99 -13.52 -2.75 24.50
CA GLN B 99 -13.84 -1.55 23.75
C GLN B 99 -14.77 -1.87 22.59
N LEU B 100 -14.38 -2.87 21.79
CA LEU B 100 -15.17 -3.23 20.61
C LEU B 100 -16.55 -3.74 21.01
N LEU B 101 -16.60 -4.66 21.96
CA LEU B 101 -17.86 -5.24 22.39
C LEU B 101 -18.79 -4.17 22.97
N TRP B 102 -18.26 -3.33 23.86
CA TRP B 102 -19.03 -2.22 24.40
C TRP B 102 -19.58 -1.35 23.28
N PHE B 103 -18.72 -0.93 22.37
CA PHE B 103 -19.18 -0.05 21.29
C PHE B 103 -20.36 -0.67 20.55
N HIS B 104 -20.23 -1.93 20.17
CA HIS B 104 -21.24 -2.51 19.29
C HIS B 104 -22.52 -2.87 20.05
N ILE B 105 -22.39 -3.40 21.25
CA ILE B 105 -23.56 -3.67 22.07
C ILE B 105 -24.31 -2.38 22.37
N SER B 106 -23.59 -1.35 22.83
CA SER B 106 -24.21 -0.07 23.11
C SER B 106 -24.87 0.52 21.88
N CYS B 107 -24.23 0.40 20.72
CA CYS B 107 -24.88 0.89 19.51
C CYS B 107 -26.17 0.16 19.25
N LEU B 108 -26.13 -1.16 19.15
CA LEU B 108 -27.34 -1.94 18.94
C LEU B 108 -28.43 -1.57 19.94
N THR B 109 -28.05 -1.31 21.18
CA THR B 109 -29.05 -1.14 22.23
C THR B 109 -29.65 0.26 22.21
N PHE B 110 -28.82 1.29 22.09
CA PHE B 110 -29.28 2.67 22.23
C PHE B 110 -29.30 3.45 20.93
N GLY B 111 -28.31 3.30 20.08
CA GLY B 111 -28.16 4.11 18.90
C GLY B 111 -26.73 4.55 18.68
N ARG B 112 -26.29 4.49 17.43
CA ARG B 112 -24.95 4.93 17.08
C ARG B 112 -24.75 6.41 17.40
N GLU B 113 -25.72 7.24 17.01
CA GLU B 113 -25.65 8.66 17.33
C GLU B 113 -25.61 8.88 18.83
N THR B 114 -26.45 8.17 19.57
CA THR B 114 -26.46 8.27 21.02
C THR B 114 -25.10 7.91 21.61
N VAL B 115 -24.47 6.85 21.10
CA VAL B 115 -23.19 6.43 21.63
C VAL B 115 -22.11 7.45 21.35
N ILE B 116 -22.16 8.08 20.17
CA ILE B 116 -21.15 9.09 19.86
C ILE B 116 -21.34 10.32 20.74
N GLU B 117 -22.58 10.77 20.88
CA GLU B 117 -22.86 11.87 21.79
C GLU B 117 -22.43 11.52 23.21
N TYR B 118 -22.57 10.25 23.60
CA TYR B 118 -22.16 9.84 24.93
C TYR B 118 -20.65 9.92 25.08
N LEU B 119 -19.91 9.53 24.05
CA LEU B 119 -18.46 9.65 24.11
C LEU B 119 -18.03 11.10 24.24
N VAL B 120 -18.67 11.98 23.48
CA VAL B 120 -18.36 13.41 23.56
C VAL B 120 -18.63 13.93 24.96
N SER B 121 -19.80 13.63 25.51
CA SER B 121 -20.17 14.12 26.83
C SER B 121 -19.27 13.53 27.91
N PHE B 122 -18.89 12.27 27.78
CA PHE B 122 -17.99 11.67 28.75
C PHE B 122 -16.60 12.28 28.67
N GLY B 123 -16.18 12.70 27.48
CA GLY B 123 -14.93 13.44 27.39
C GLY B 123 -15.02 14.78 28.10
N VAL B 124 -16.10 15.51 27.85
CA VAL B 124 -16.37 16.74 28.60
C VAL B 124 -16.22 16.47 30.10
N TRP B 125 -16.92 15.45 30.59
CA TRP B 125 -16.91 15.13 32.01
C TRP B 125 -15.50 14.84 32.51
N ILE B 126 -14.84 13.85 31.92
CA ILE B 126 -13.55 13.41 32.42
C ILE B 126 -12.48 14.48 32.25
N ARG B 127 -12.72 15.48 31.41
CA ARG B 127 -11.82 16.62 31.32
C ARG B 127 -12.12 17.68 32.35
N THR B 128 -13.37 17.83 32.74
CA THR B 128 -13.74 18.83 33.73
C THR B 128 -12.96 18.58 35.02
N PRO B 129 -12.34 19.60 35.61
CA PRO B 129 -11.64 19.39 36.87
C PRO B 129 -12.59 18.88 37.92
N PRO B 130 -12.08 18.15 38.92
CA PRO B 130 -13.00 17.49 39.87
C PRO B 130 -13.77 18.46 40.74
N ALA B 131 -13.22 19.64 41.02
CA ALA B 131 -13.93 20.61 41.82
C ALA B 131 -15.22 21.07 41.16
N TYR B 132 -15.31 20.95 39.83
CA TYR B 132 -16.50 21.32 39.08
C TYR B 132 -17.03 20.14 38.28
N ARG B 133 -16.62 18.93 38.63
CA ARG B 133 -17.06 17.73 37.94
C ARG B 133 -18.22 17.11 38.69
N PRO B 134 -19.41 16.98 38.10
CA PRO B 134 -20.50 16.32 38.78
C PRO B 134 -20.14 14.89 39.11
N PRO B 135 -20.59 14.35 40.25
CA PRO B 135 -20.36 12.94 40.53
C PRO B 135 -21.25 12.03 39.72
N ASN B 136 -22.37 12.53 39.21
CA ASN B 136 -23.29 11.76 38.38
C ASN B 136 -22.70 11.66 36.98
N ALA B 137 -21.75 10.74 36.84
CA ALA B 137 -21.13 10.47 35.54
C ALA B 137 -22.21 10.21 34.50
N PRO B 138 -21.98 10.53 33.24
CA PRO B 138 -22.96 10.21 32.21
C PRO B 138 -23.16 8.71 32.11
N ILE B 139 -24.35 8.33 31.66
CA ILE B 139 -24.70 6.92 31.58
C ILE B 139 -25.77 6.76 30.51
N LEU B 140 -25.66 5.68 29.74
CA LEU B 140 -26.60 5.38 28.69
C LEU B 140 -27.88 4.80 29.26
N SER B 141 -29.03 5.35 28.86
CA SER B 141 -30.30 4.90 29.38
C SER B 141 -31.36 4.99 28.29
N THR B 142 -32.35 4.10 28.39
CA THR B 142 -33.51 4.12 27.52
C THR B 142 -34.73 4.74 28.18
N LEU B 143 -34.81 4.71 29.49
CA LEU B 143 -35.96 5.26 30.20
C LEU B 143 -35.72 6.71 30.60
N MET C 1 6.43 15.42 -1.82
CA MET C 1 5.03 15.86 -2.04
C MET C 1 4.07 14.66 -2.02
N ASP C 2 4.60 13.48 -1.73
CA ASP C 2 3.81 12.25 -1.65
C ASP C 2 3.08 12.00 -2.97
N ILE C 3 3.87 11.78 -4.01
CA ILE C 3 3.37 11.60 -5.37
C ILE C 3 3.46 10.12 -5.73
N ASP C 4 2.37 9.58 -6.25
CA ASP C 4 2.36 8.23 -6.80
C ASP C 4 2.40 8.33 -8.32
N PRO C 5 3.40 7.76 -8.98
CA PRO C 5 3.47 7.87 -10.45
C PRO C 5 2.42 7.06 -11.18
N TYR C 6 1.55 6.35 -10.46
CA TYR C 6 0.58 5.47 -11.09
C TYR C 6 -0.87 5.85 -10.79
N LYS C 7 -1.14 6.57 -9.71
CA LYS C 7 -2.51 6.79 -9.30
C LYS C 7 -3.28 7.66 -10.29
N GLU C 8 -2.58 8.36 -11.18
CA GLU C 8 -3.25 8.99 -12.31
C GLU C 8 -3.55 8.01 -13.42
N PHE C 9 -3.04 6.79 -13.34
CA PHE C 9 -3.33 5.73 -14.29
C PHE C 9 -4.17 4.62 -13.68
N GLY C 10 -4.46 4.68 -12.39
CA GLY C 10 -5.34 3.73 -11.77
C GLY C 10 -4.63 2.59 -11.05
N ALA C 11 -3.33 2.67 -10.88
CA ALA C 11 -2.54 1.65 -10.23
C ALA C 11 -1.88 2.25 -8.99
N THR C 12 -0.97 1.48 -8.40
CA THR C 12 -0.35 1.88 -7.14
C THR C 12 0.90 1.05 -6.93
N VAL C 13 1.86 1.63 -6.22
CA VAL C 13 3.09 0.92 -5.91
C VAL C 13 2.78 -0.34 -5.11
N GLU C 14 1.72 -0.30 -4.29
CA GLU C 14 1.32 -1.50 -3.57
C GLU C 14 0.81 -2.57 -4.51
N LEU C 15 0.26 -2.17 -5.66
CA LEU C 15 -0.25 -3.13 -6.62
C LEU C 15 0.85 -3.67 -7.52
N LEU C 16 1.87 -2.87 -7.81
CA LEU C 16 2.97 -3.37 -8.62
C LEU C 16 4.03 -4.09 -7.81
N SER C 17 4.10 -3.86 -6.50
CA SER C 17 4.86 -4.72 -5.61
C SER C 17 4.11 -6.01 -5.30
N PHE C 18 2.83 -6.09 -5.67
CA PHE C 18 2.06 -7.30 -5.52
C PHE C 18 2.66 -8.44 -6.33
N LEU C 19 3.42 -8.11 -7.34
CA LEU C 19 4.18 -9.05 -8.14
C LEU C 19 5.60 -9.17 -7.62
N PRO C 20 6.30 -10.24 -7.96
CA PRO C 20 7.70 -10.33 -7.56
C PRO C 20 8.58 -9.38 -8.36
N SER C 21 9.75 -9.11 -7.81
CA SER C 21 10.74 -8.29 -8.48
C SER C 21 11.57 -9.06 -9.49
N ASP C 22 11.45 -10.38 -9.49
CA ASP C 22 12.10 -11.23 -10.47
C ASP C 22 11.27 -11.41 -11.72
N PHE C 23 10.15 -10.71 -11.83
CA PHE C 23 9.23 -10.86 -12.95
C PHE C 23 9.43 -9.81 -14.02
N PHE C 24 9.93 -8.65 -13.66
CA PHE C 24 9.92 -7.52 -14.56
C PHE C 24 11.09 -7.61 -15.53
N PRO C 25 10.85 -7.50 -16.84
CA PRO C 25 11.94 -7.61 -17.80
C PRO C 25 13.03 -6.58 -17.54
N SER C 26 14.23 -6.91 -18.00
CA SER C 26 15.36 -6.02 -17.81
C SER C 26 15.11 -4.68 -18.49
N VAL C 27 15.83 -3.67 -18.02
CA VAL C 27 15.62 -2.33 -18.52
C VAL C 27 16.13 -2.20 -19.95
N ARG C 28 17.18 -2.93 -20.30
CA ARG C 28 17.62 -2.95 -21.69
C ARG C 28 16.53 -3.52 -22.58
N ASP C 29 15.93 -4.64 -22.17
CA ASP C 29 14.85 -5.24 -22.95
C ASP C 29 13.69 -4.27 -23.12
N LEU C 30 13.35 -3.55 -22.05
CA LEU C 30 12.19 -2.66 -22.11
C LEU C 30 12.48 -1.44 -22.97
N LEU C 31 13.68 -0.88 -22.88
CA LEU C 31 14.04 0.24 -23.74
C LEU C 31 14.12 -0.18 -25.20
N ASP C 32 14.58 -1.40 -25.46
CA ASP C 32 14.55 -1.91 -26.82
C ASP C 32 13.12 -2.07 -27.33
N THR C 33 12.24 -2.63 -26.49
CA THR C 33 10.84 -2.71 -26.86
C THR C 33 10.27 -1.35 -27.21
N ALA C 34 10.59 -0.34 -26.42
CA ALA C 34 10.09 1.00 -26.68
C ALA C 34 10.64 1.54 -28.00
N SER C 35 11.96 1.48 -28.18
CA SER C 35 12.55 1.97 -29.42
C SER C 35 11.96 1.24 -30.63
N ALA C 36 11.52 0.00 -30.44
CA ALA C 36 10.99 -0.77 -31.55
C ALA C 36 9.55 -0.38 -31.86
N LEU C 37 8.74 -0.16 -30.84
CA LEU C 37 7.31 -0.02 -31.01
C LEU C 37 6.81 1.42 -31.05
N TYR C 38 7.41 2.33 -30.27
CA TYR C 38 6.87 3.68 -30.11
C TYR C 38 7.94 4.75 -30.26
N ARG C 39 9.02 4.46 -30.99
CA ARG C 39 10.07 5.45 -31.15
C ARG C 39 9.58 6.68 -31.89
N GLU C 40 8.88 6.47 -33.01
CA GLU C 40 8.41 7.59 -33.81
C GLU C 40 7.30 8.37 -33.14
N ALA C 41 6.81 7.91 -31.99
CA ALA C 41 5.83 8.63 -31.21
C ALA C 41 6.42 9.27 -29.96
N LEU C 42 7.48 8.69 -29.41
CA LEU C 42 8.19 9.31 -28.31
C LEU C 42 9.06 10.47 -28.79
N GLU C 43 9.64 10.33 -29.98
CA GLU C 43 10.40 11.39 -30.59
C GLU C 43 9.52 12.40 -31.33
N SER C 44 8.24 12.34 -31.14
CA SER C 44 7.30 13.21 -31.84
C SER C 44 7.01 14.47 -31.05
N PRO C 45 6.66 15.56 -31.73
CA PRO C 45 6.22 16.78 -31.05
C PRO C 45 4.73 16.76 -30.70
N GLU C 46 4.27 15.65 -30.13
CA GLU C 46 2.88 15.46 -29.79
C GLU C 46 2.79 14.69 -28.49
N HIS C 47 1.72 14.94 -27.74
CA HIS C 47 1.50 14.20 -26.51
C HIS C 47 1.05 12.77 -26.83
N CYS C 48 -0.10 12.64 -27.47
CA CYS C 48 -0.63 11.37 -27.97
C CYS C 48 -1.11 10.48 -26.83
N SER C 49 -0.73 10.81 -25.61
CA SER C 49 -1.25 10.15 -24.41
C SER C 49 -0.54 10.69 -23.18
N PRO C 50 -1.02 10.41 -21.98
CA PRO C 50 -0.19 10.60 -20.79
C PRO C 50 0.90 9.54 -20.67
N HIS C 51 0.71 8.38 -21.28
CA HIS C 51 1.69 7.31 -21.19
C HIS C 51 3.00 7.69 -21.86
N HIS C 52 2.92 8.38 -23.00
CA HIS C 52 4.14 8.85 -23.64
C HIS C 52 4.80 9.96 -22.84
N THR C 53 4.00 10.90 -22.34
CA THR C 53 4.55 11.98 -21.52
C THR C 53 5.28 11.43 -20.31
N ALA C 54 4.85 10.29 -19.79
CA ALA C 54 5.51 9.66 -18.66
C ALA C 54 6.71 8.81 -19.08
N LEU C 55 6.60 8.11 -20.20
CA LEU C 55 7.65 7.21 -20.64
C LEU C 55 8.89 7.98 -21.08
N ARG C 56 8.69 9.11 -21.76
CA ARG C 56 9.82 9.97 -22.12
C ARG C 56 10.60 10.39 -20.88
N GLN C 57 9.89 10.84 -19.84
CA GLN C 57 10.56 11.31 -18.64
C GLN C 57 11.24 10.17 -17.91
N ALA C 58 10.63 8.98 -17.93
CA ALA C 58 11.28 7.82 -17.33
C ALA C 58 12.60 7.51 -18.02
N ILE C 59 12.60 7.52 -19.36
CA ILE C 59 13.82 7.25 -20.11
C ILE C 59 14.89 8.29 -19.80
N LEU C 60 14.49 9.56 -19.70
CA LEU C 60 15.47 10.60 -19.42
C LEU C 60 16.03 10.47 -18.01
N CYS C 61 15.16 10.13 -17.04
CA CYS C 61 15.64 9.87 -15.69
C CYS C 61 16.66 8.74 -15.66
N TRP C 62 16.36 7.65 -16.37
CA TRP C 62 17.32 6.56 -16.46
C TRP C 62 18.64 7.03 -17.06
N GLY C 63 18.56 7.88 -18.08
CA GLY C 63 19.78 8.40 -18.68
C GLY C 63 20.62 9.17 -17.69
N GLU C 64 19.97 10.03 -16.90
CA GLU C 64 20.70 10.81 -15.90
C GLU C 64 21.32 9.91 -14.84
N LEU C 65 20.55 8.94 -14.34
CA LEU C 65 21.07 8.03 -13.34
C LEU C 65 22.27 7.26 -13.87
N MET C 66 22.15 6.71 -15.09
CA MET C 66 23.26 5.98 -15.68
C MET C 66 24.48 6.88 -15.84
N THR C 67 24.28 8.12 -16.29
CA THR C 67 25.39 9.04 -16.42
C THR C 67 26.11 9.23 -15.09
N LEU C 68 25.35 9.49 -14.03
CA LEU C 68 25.97 9.74 -12.73
C LEU C 68 26.71 8.51 -12.23
N ALA C 69 26.07 7.35 -12.30
CA ALA C 69 26.70 6.13 -11.80
C ALA C 69 27.95 5.80 -12.59
N THR C 70 27.89 5.90 -13.91
CA THR C 70 29.07 5.67 -14.73
C THR C 70 30.20 6.63 -14.36
N TRP C 71 29.87 7.90 -14.15
CA TRP C 71 30.89 8.89 -13.85
C TRP C 71 31.55 8.60 -12.51
N VAL C 72 30.75 8.32 -11.47
CA VAL C 72 31.34 8.04 -10.17
C VAL C 72 32.18 6.76 -10.22
N GLY C 73 31.71 5.74 -10.94
CA GLY C 73 32.49 4.53 -11.09
C GLY C 73 33.81 4.78 -11.79
N VAL C 74 33.79 5.56 -12.87
CA VAL C 74 35.00 5.83 -13.62
C VAL C 74 36.00 6.59 -12.75
N ASN C 75 35.52 7.56 -11.99
CA ASN C 75 36.42 8.36 -11.16
C ASN C 75 36.78 7.68 -9.84
N LEU C 76 36.13 6.58 -9.51
CA LEU C 76 36.45 5.84 -8.29
C LEU C 76 37.68 4.96 -8.54
N GLU C 77 38.61 4.96 -7.59
CA GLU C 77 39.89 4.29 -7.81
C GLU C 77 39.74 2.78 -7.78
N ASP C 78 39.04 2.24 -6.79
CA ASP C 78 39.01 0.80 -6.57
C ASP C 78 38.00 0.13 -7.51
N PRO C 79 38.26 -1.13 -7.89
CA PRO C 79 37.28 -1.87 -8.71
C PRO C 79 36.33 -2.77 -7.93
N ALA C 80 36.34 -2.70 -6.60
CA ALA C 80 35.47 -3.52 -5.77
C ALA C 80 34.19 -2.81 -5.36
N SER C 81 34.23 -1.47 -5.28
CA SER C 81 33.06 -0.69 -4.91
C SER C 81 32.17 -0.34 -6.10
N ARG C 82 32.70 -0.43 -7.33
CA ARG C 82 31.85 -0.27 -8.49
C ARG C 82 30.76 -1.33 -8.52
N ASP C 83 31.11 -2.57 -8.16
CA ASP C 83 30.09 -3.61 -8.05
C ASP C 83 29.05 -3.25 -7.01
N LEU C 84 29.46 -2.68 -5.88
CA LEU C 84 28.51 -2.32 -4.83
C LEU C 84 27.55 -1.24 -5.32
N VAL C 85 28.10 -0.19 -5.95
CA VAL C 85 27.26 0.91 -6.40
C VAL C 85 26.32 0.45 -7.50
N VAL C 86 26.81 -0.39 -8.42
CA VAL C 86 25.97 -0.83 -9.53
C VAL C 86 24.88 -1.76 -9.01
N SER C 87 25.20 -2.60 -8.02
CA SER C 87 24.17 -3.42 -7.41
C SER C 87 23.11 -2.56 -6.75
N TYR C 88 23.53 -1.54 -5.99
CA TYR C 88 22.57 -0.68 -5.32
C TYR C 88 21.66 0.00 -6.33
N VAL C 89 22.24 0.67 -7.33
CA VAL C 89 21.42 1.37 -8.32
C VAL C 89 20.49 0.38 -9.00
N ASN C 90 21.04 -0.70 -9.56
CA ASN C 90 20.23 -1.70 -10.23
C ASN C 90 19.04 -2.03 -9.35
N THR C 91 19.28 -2.63 -8.19
CA THR C 91 18.14 -3.06 -7.38
C THR C 91 17.20 -1.89 -7.16
N ASN C 92 17.64 -0.89 -6.39
CA ASN C 92 16.70 0.09 -5.86
C ASN C 92 16.01 0.87 -6.97
N MET C 93 16.78 1.53 -7.83
CA MET C 93 16.19 2.40 -8.83
C MET C 93 15.79 1.66 -10.09
N GLY C 94 16.63 0.73 -10.56
CA GLY C 94 16.26 -0.04 -11.73
C GLY C 94 14.98 -0.82 -11.54
N LEU C 95 14.67 -1.23 -10.30
CA LEU C 95 13.40 -1.93 -10.09
C LEU C 95 12.23 -1.00 -10.35
N LYS C 96 12.28 0.21 -9.80
CA LYS C 96 11.23 1.19 -10.06
C LYS C 96 11.13 1.49 -11.55
N LEU C 97 12.27 1.63 -12.22
CA LEU C 97 12.25 1.94 -13.64
C LEU C 97 11.65 0.79 -14.43
N ARG C 98 11.99 -0.44 -14.07
CA ARG C 98 11.41 -1.61 -14.71
C ARG C 98 9.90 -1.63 -14.53
N GLN C 99 9.44 -1.45 -13.30
CA GLN C 99 8.02 -1.38 -13.04
C GLN C 99 7.34 -0.34 -13.93
N LEU C 100 7.94 0.85 -13.99
CA LEU C 100 7.31 1.96 -14.70
C LEU C 100 7.26 1.70 -16.21
N LEU C 101 8.41 1.30 -16.78
CA LEU C 101 8.47 1.04 -18.20
C LEU C 101 7.55 -0.12 -18.59
N TRP C 102 7.59 -1.19 -17.82
CA TRP C 102 6.67 -2.30 -18.05
C TRP C 102 5.24 -1.83 -18.03
N PHE C 103 4.85 -1.09 -16.99
CA PHE C 103 3.48 -0.62 -16.88
C PHE C 103 3.07 0.16 -18.12
N HIS C 104 3.89 1.12 -18.53
CA HIS C 104 3.47 2.02 -19.60
C HIS C 104 3.50 1.34 -20.96
N ILE C 105 4.57 0.59 -21.25
CA ILE C 105 4.63 -0.16 -22.49
C ILE C 105 3.46 -1.14 -22.59
N SER C 106 3.27 -1.96 -21.55
CA SER C 106 2.17 -2.91 -21.55
C SER C 106 0.83 -2.22 -21.69
N CYS C 107 0.66 -1.06 -21.05
CA CYS C 107 -0.59 -0.33 -21.21
C CYS C 107 -0.80 0.06 -22.67
N LEU C 108 0.15 0.79 -23.23
CA LEU C 108 0.05 1.20 -24.63
C LEU C 108 -0.22 0.01 -25.54
N THR C 109 0.33 -1.16 -25.21
CA THR C 109 0.28 -2.27 -26.13
C THR C 109 -1.02 -3.06 -26.01
N PHE C 110 -1.48 -3.30 -24.78
CA PHE C 110 -2.62 -4.16 -24.53
C PHE C 110 -3.84 -3.44 -24.01
N GLY C 111 -3.68 -2.50 -23.08
CA GLY C 111 -4.80 -1.91 -22.40
C GLY C 111 -4.53 -1.72 -20.91
N ARG C 112 -4.90 -0.56 -20.40
CA ARG C 112 -4.73 -0.27 -18.98
C ARG C 112 -5.52 -1.26 -18.12
N GLU C 113 -6.78 -1.48 -18.48
CA GLU C 113 -7.61 -2.41 -17.73
C GLU C 113 -7.03 -3.81 -17.77
N THR C 114 -6.56 -4.24 -18.94
CA THR C 114 -5.96 -5.57 -19.05
C THR C 114 -4.70 -5.68 -18.23
N VAL C 115 -3.89 -4.63 -18.18
CA VAL C 115 -2.67 -4.67 -17.38
C VAL C 115 -3.00 -4.75 -15.89
N ILE C 116 -4.01 -4.03 -15.43
CA ILE C 116 -4.35 -4.09 -14.02
C ILE C 116 -4.95 -5.44 -13.65
N GLU C 117 -5.85 -5.96 -14.48
CA GLU C 117 -6.37 -7.29 -14.26
C GLU C 117 -5.25 -8.32 -14.26
N TYR C 118 -4.28 -8.16 -15.15
CA TYR C 118 -3.13 -9.06 -15.18
C TYR C 118 -2.35 -8.97 -13.88
N LEU C 119 -2.16 -7.76 -13.35
CA LEU C 119 -1.46 -7.61 -12.10
C LEU C 119 -2.13 -8.39 -10.99
N VAL C 120 -3.44 -8.16 -10.81
CA VAL C 120 -4.14 -8.84 -9.71
C VAL C 120 -4.15 -10.34 -9.93
N SER C 121 -4.38 -10.78 -11.17
CA SER C 121 -4.48 -12.21 -11.46
C SER C 121 -3.14 -12.90 -11.25
N PHE C 122 -2.05 -12.32 -11.74
CA PHE C 122 -0.74 -12.92 -11.56
C PHE C 122 -0.33 -12.92 -10.11
N GLY C 123 -0.69 -11.88 -9.35
CA GLY C 123 -0.41 -11.90 -7.93
C GLY C 123 -1.12 -13.03 -7.21
N VAL C 124 -2.42 -13.13 -7.41
CA VAL C 124 -3.18 -14.22 -6.80
C VAL C 124 -2.62 -15.56 -7.23
N TRP C 125 -2.24 -15.67 -8.51
CA TRP C 125 -1.66 -16.91 -9.02
C TRP C 125 -0.40 -17.28 -8.25
N ILE C 126 0.61 -16.41 -8.29
CA ILE C 126 1.89 -16.72 -7.67
C ILE C 126 1.76 -16.85 -6.16
N ARG C 127 0.66 -16.39 -5.59
CA ARG C 127 0.43 -16.57 -4.17
C ARG C 127 -0.37 -17.83 -3.85
N THR C 128 -1.07 -18.38 -4.83
CA THR C 128 -1.86 -19.59 -4.66
C THR C 128 -0.96 -20.82 -4.66
N PRO C 129 -1.38 -21.90 -3.99
CA PRO C 129 -0.64 -23.15 -4.08
C PRO C 129 -0.75 -23.75 -5.46
N PRO C 130 0.25 -24.51 -5.91
CA PRO C 130 0.24 -24.99 -7.29
C PRO C 130 -0.89 -25.94 -7.59
N ALA C 131 -1.20 -26.86 -6.68
CA ALA C 131 -2.16 -27.91 -6.96
C ALA C 131 -3.58 -27.39 -7.16
N TYR C 132 -3.83 -26.12 -6.84
CA TYR C 132 -5.17 -25.56 -6.92
C TYR C 132 -5.17 -24.27 -7.74
N ARG C 133 -4.28 -24.20 -8.71
CA ARG C 133 -4.20 -23.09 -9.65
C ARG C 133 -3.92 -23.64 -11.04
N PRO C 134 -4.23 -22.89 -12.08
CA PRO C 134 -3.78 -23.28 -13.41
C PRO C 134 -2.28 -23.41 -13.45
N PRO C 135 -1.77 -24.42 -14.15
CA PRO C 135 -0.33 -24.75 -13.99
C PRO C 135 0.60 -23.76 -14.65
N ASN C 136 0.23 -23.24 -15.80
CA ASN C 136 1.10 -22.35 -16.56
C ASN C 136 0.77 -20.90 -16.25
N ALA C 137 1.81 -20.09 -16.09
CA ALA C 137 1.65 -18.73 -15.62
C ALA C 137 0.83 -17.90 -16.60
N PRO C 138 0.21 -16.83 -16.12
CA PRO C 138 -0.45 -15.90 -17.04
C PRO C 138 0.56 -15.11 -17.85
N ILE C 139 0.10 -14.63 -19.00
CA ILE C 139 0.95 -13.87 -19.91
C ILE C 139 0.05 -12.98 -20.75
N LEU C 140 0.58 -11.83 -21.13
CA LEU C 140 -0.14 -10.89 -21.97
C LEU C 140 0.20 -11.16 -23.43
N SER C 141 -0.82 -11.14 -24.28
CA SER C 141 -0.64 -11.53 -25.67
C SER C 141 -1.62 -10.78 -26.55
N THR C 142 -1.18 -10.47 -27.76
CA THR C 142 -2.01 -9.85 -28.79
C THR C 142 -2.43 -10.83 -29.85
N LEU C 143 -2.19 -12.12 -29.65
CA LEU C 143 -2.38 -13.14 -30.68
C LEU C 143 -3.52 -14.07 -30.29
N PRO C 144 -4.73 -13.90 -30.85
CA PRO C 144 -5.83 -14.80 -30.51
C PRO C 144 -5.65 -16.22 -31.05
N MET D 1 17.56 7.07 -27.22
CA MET D 1 16.77 7.83 -28.22
C MET D 1 17.11 9.31 -28.19
N ASP D 2 16.52 10.07 -29.10
CA ASP D 2 16.75 11.52 -29.20
C ASP D 2 15.58 12.30 -28.64
N ILE D 3 15.02 11.83 -27.52
CA ILE D 3 13.85 12.49 -26.95
C ILE D 3 14.23 13.88 -26.47
N ASP D 4 13.46 14.87 -26.91
CA ASP D 4 13.56 16.22 -26.39
C ASP D 4 12.40 16.45 -25.44
N PRO D 5 12.63 16.65 -24.14
CA PRO D 5 11.52 16.70 -23.18
C PRO D 5 10.62 17.92 -23.33
N TYR D 6 10.91 18.83 -24.26
CA TYR D 6 10.15 20.06 -24.39
C TYR D 6 9.38 20.18 -25.70
N LYS D 7 9.79 19.49 -26.76
CA LYS D 7 9.11 19.65 -28.03
C LYS D 7 7.70 19.09 -27.98
N GLU D 8 7.43 18.17 -27.08
CA GLU D 8 6.06 17.78 -26.80
C GLU D 8 5.25 18.95 -26.28
N PHE D 9 5.91 19.91 -25.63
CA PHE D 9 5.27 21.08 -25.05
C PHE D 9 5.53 22.34 -25.86
N GLY D 10 6.14 22.22 -27.04
CA GLY D 10 6.28 23.33 -27.95
C GLY D 10 7.60 24.06 -27.90
N ALA D 11 8.64 23.46 -27.33
CA ALA D 11 9.93 24.12 -27.21
C ALA D 11 11.07 23.17 -27.55
N THR D 12 12.30 23.57 -27.24
CA THR D 12 13.47 22.77 -27.52
C THR D 12 14.54 23.09 -26.49
N VAL D 13 15.50 22.18 -26.34
CA VAL D 13 16.61 22.39 -25.43
C VAL D 13 17.52 23.52 -25.88
N GLU D 14 17.35 24.00 -27.11
CA GLU D 14 18.13 25.11 -27.64
C GLU D 14 17.37 26.42 -27.63
N LEU D 15 16.05 26.38 -27.40
CA LEU D 15 15.30 27.58 -27.10
C LEU D 15 15.42 27.98 -25.64
N LEU D 16 15.79 27.06 -24.77
CA LEU D 16 16.05 27.37 -23.37
C LEU D 16 17.52 27.67 -23.11
N SER D 17 18.40 27.35 -24.05
CA SER D 17 19.78 27.81 -23.95
C SER D 17 19.89 29.32 -24.16
N PHE D 18 18.80 29.98 -24.53
CA PHE D 18 18.76 31.43 -24.51
C PHE D 18 18.99 31.94 -23.10
N LEU D 19 18.37 31.31 -22.13
CA LEU D 19 18.57 31.64 -20.73
C LEU D 19 19.87 31.01 -20.25
N PRO D 20 20.71 31.74 -19.52
CA PRO D 20 21.91 31.13 -18.97
C PRO D 20 21.58 30.10 -17.91
N SER D 21 22.62 29.41 -17.46
CA SER D 21 22.48 28.44 -16.38
C SER D 21 22.42 29.10 -15.01
N ASP D 22 22.77 30.38 -14.91
CA ASP D 22 22.64 31.13 -13.68
C ASP D 22 21.24 31.66 -13.46
N PHE D 23 20.37 31.59 -14.46
CA PHE D 23 19.06 32.20 -14.40
C PHE D 23 18.05 31.33 -13.66
N PHE D 24 18.32 30.08 -13.49
CA PHE D 24 17.28 29.17 -13.07
C PHE D 24 17.25 29.06 -11.55
N PRO D 25 16.08 29.24 -10.92
CA PRO D 25 16.01 29.15 -9.47
C PRO D 25 16.51 27.82 -8.97
N SER D 26 16.70 27.74 -7.65
CA SER D 26 17.14 26.51 -7.04
C SER D 26 16.00 25.50 -6.98
N VAL D 27 16.38 24.23 -6.88
CA VAL D 27 15.37 23.18 -6.86
C VAL D 27 14.51 23.30 -5.62
N ARG D 28 15.09 23.73 -4.50
CA ARG D 28 14.31 23.98 -3.30
C ARG D 28 13.22 25.02 -3.58
N ASP D 29 13.60 26.14 -4.19
CA ASP D 29 12.64 27.19 -4.48
C ASP D 29 11.55 26.70 -5.41
N LEU D 30 11.92 25.90 -6.41
CA LEU D 30 10.93 25.47 -7.40
C LEU D 30 9.98 24.44 -6.81
N LEU D 31 10.49 23.51 -6.00
CA LEU D 31 9.61 22.56 -5.35
C LEU D 31 8.71 23.25 -4.33
N ASP D 32 9.21 24.30 -3.66
CA ASP D 32 8.36 25.08 -2.78
C ASP D 32 7.24 25.76 -3.56
N THR D 33 7.56 26.35 -4.71
CA THR D 33 6.54 26.93 -5.57
C THR D 33 5.49 25.89 -5.95
N ALA D 34 5.94 24.70 -6.34
CA ALA D 34 5.01 23.66 -6.74
C ALA D 34 4.11 23.25 -5.58
N SER D 35 4.70 23.01 -4.42
CA SER D 35 3.90 22.70 -3.23
C SER D 35 2.88 23.79 -2.96
N ALA D 36 3.28 25.04 -3.13
CA ALA D 36 2.38 26.16 -2.87
C ALA D 36 1.20 26.15 -3.81
N LEU D 37 1.44 25.91 -5.10
CA LEU D 37 0.46 26.21 -6.12
C LEU D 37 -0.30 25.00 -6.65
N TYR D 38 0.36 23.86 -6.87
CA TYR D 38 -0.24 22.73 -7.56
C TYR D 38 -0.06 21.44 -6.79
N ARG D 39 -0.03 21.50 -5.45
CA ARG D 39 0.16 20.30 -4.66
C ARG D 39 -1.05 19.37 -4.77
N GLU D 40 -2.25 19.92 -4.62
CA GLU D 40 -3.45 19.09 -4.63
C GLU D 40 -3.81 18.60 -6.01
N ALA D 41 -3.07 19.00 -7.04
CA ALA D 41 -3.22 18.48 -8.38
C ALA D 41 -2.09 17.55 -8.79
N LEU D 42 -0.89 17.74 -8.23
CA LEU D 42 0.17 16.77 -8.42
C LEU D 42 -0.08 15.51 -7.62
N GLU D 43 -0.71 15.63 -6.45
CA GLU D 43 -1.11 14.49 -5.66
C GLU D 43 -2.43 13.90 -6.12
N SER D 44 -3.02 14.42 -7.18
CA SER D 44 -4.34 14.02 -7.63
C SER D 44 -4.28 12.79 -8.52
N PRO D 45 -5.36 12.02 -8.60
CA PRO D 45 -5.39 10.85 -9.46
C PRO D 45 -5.83 11.14 -10.89
N GLU D 46 -5.75 12.38 -11.31
CA GLU D 46 -6.29 12.80 -12.60
C GLU D 46 -5.16 13.20 -13.55
N HIS D 47 -5.39 12.97 -14.85
CA HIS D 47 -4.52 13.48 -15.90
C HIS D 47 -4.82 14.95 -16.13
N CYS D 48 -4.53 15.76 -15.11
CA CYS D 48 -4.94 17.15 -15.14
C CYS D 48 -4.29 17.89 -16.30
N SER D 49 -3.07 17.51 -16.67
CA SER D 49 -2.38 18.14 -17.78
C SER D 49 -1.05 17.44 -18.04
N PRO D 50 -0.54 17.50 -19.27
CA PRO D 50 0.81 16.99 -19.53
C PRO D 50 1.85 17.62 -18.66
N HIS D 51 1.66 18.88 -18.30
CA HIS D 51 2.61 19.56 -17.43
C HIS D 51 2.64 18.92 -16.05
N HIS D 52 1.49 18.50 -15.55
CA HIS D 52 1.45 17.76 -14.30
C HIS D 52 2.10 16.40 -14.46
N THR D 53 1.72 15.68 -15.51
CA THR D 53 2.29 14.36 -15.75
C THR D 53 3.81 14.39 -15.85
N ALA D 54 4.37 15.52 -16.28
CA ALA D 54 5.80 15.66 -16.40
C ALA D 54 6.44 16.17 -15.12
N LEU D 55 5.75 17.05 -14.39
CA LEU D 55 6.27 17.57 -13.14
C LEU D 55 6.38 16.48 -12.09
N ARG D 56 5.38 15.59 -12.03
CA ARG D 56 5.46 14.46 -11.12
C ARG D 56 6.70 13.62 -11.37
N GLN D 57 6.94 13.27 -12.63
CA GLN D 57 8.09 12.44 -12.96
C GLN D 57 9.41 13.17 -12.71
N ALA D 58 9.43 14.49 -12.93
CA ALA D 58 10.64 15.25 -12.63
C ALA D 58 10.94 15.24 -11.14
N ILE D 59 9.91 15.42 -10.32
CA ILE D 59 10.10 15.39 -8.87
C ILE D 59 10.60 14.02 -8.44
N LEU D 60 10.05 12.96 -9.02
CA LEU D 60 10.50 11.61 -8.66
C LEU D 60 11.94 11.37 -9.10
N CYS D 61 12.31 11.88 -10.28
CA CYS D 61 13.70 11.79 -10.71
C CYS D 61 14.62 12.49 -9.73
N TRP D 62 14.24 13.69 -9.28
CA TRP D 62 15.05 14.39 -8.29
C TRP D 62 15.17 13.58 -7.02
N GLY D 63 14.06 12.98 -6.58
CA GLY D 63 14.12 12.15 -5.38
C GLY D 63 15.09 11.00 -5.52
N GLU D 64 15.03 10.28 -6.64
CA GLU D 64 15.92 9.15 -6.83
C GLU D 64 17.38 9.59 -6.94
N LEU D 65 17.63 10.69 -7.65
CA LEU D 65 18.99 11.19 -7.77
C LEU D 65 19.54 11.61 -6.41
N MET D 66 18.72 12.30 -5.61
CA MET D 66 19.16 12.70 -4.28
C MET D 66 19.45 11.49 -3.41
N THR D 67 18.56 10.49 -3.45
CA THR D 67 18.79 9.26 -2.70
C THR D 67 20.13 8.63 -3.09
N LEU D 68 20.37 8.50 -4.38
CA LEU D 68 21.61 7.88 -4.85
C LEU D 68 22.82 8.68 -4.39
N ALA D 69 22.81 9.99 -4.61
CA ALA D 69 23.97 10.81 -4.26
C ALA D 69 24.20 10.82 -2.75
N THR D 70 23.13 10.82 -1.96
CA THR D 70 23.28 10.75 -0.51
C THR D 70 23.92 9.45 -0.08
N TRP D 71 23.39 8.33 -0.58
CA TRP D 71 23.97 7.03 -0.26
C TRP D 71 25.44 6.97 -0.66
N VAL D 72 25.76 7.49 -1.84
CA VAL D 72 27.13 7.47 -2.33
C VAL D 72 28.03 8.29 -1.42
N GLY D 73 27.64 9.53 -1.13
CA GLY D 73 28.45 10.37 -0.26
C GLY D 73 28.64 9.76 1.10
N VAL D 74 27.58 9.14 1.64
CA VAL D 74 27.69 8.47 2.93
C VAL D 74 28.76 7.39 2.88
N ASN D 75 28.62 6.44 1.94
CA ASN D 75 29.61 5.38 1.85
C ASN D 75 30.97 5.88 1.42
N LEU D 76 31.07 7.10 0.91
CA LEU D 76 32.35 7.67 0.50
C LEU D 76 33.06 8.24 1.72
N GLU D 77 34.37 8.04 1.77
CA GLU D 77 35.16 8.33 2.96
C GLU D 77 36.04 9.57 2.79
N ASP D 78 35.61 10.53 1.98
CA ASP D 78 36.34 11.79 1.89
C ASP D 78 35.46 12.93 1.39
N PRO D 79 35.29 14.00 2.16
CA PRO D 79 34.54 15.15 1.65
C PRO D 79 35.24 15.84 0.50
N ALA D 80 36.58 15.76 0.46
CA ALA D 80 37.34 16.37 -0.63
C ALA D 80 36.72 16.08 -1.98
N SER D 81 36.24 14.86 -2.19
CA SER D 81 35.61 14.48 -3.44
C SER D 81 34.11 14.20 -3.30
N ARG D 82 33.58 14.07 -2.07
CA ARG D 82 32.14 14.13 -1.92
C ARG D 82 31.60 15.46 -2.46
N ASP D 83 32.32 16.54 -2.18
CA ASP D 83 31.92 17.85 -2.70
C ASP D 83 31.98 17.87 -4.21
N LEU D 84 32.95 17.17 -4.80
CA LEU D 84 33.05 17.13 -6.25
C LEU D 84 31.90 16.32 -6.84
N VAL D 85 31.52 15.24 -6.17
CA VAL D 85 30.33 14.49 -6.56
C VAL D 85 29.12 15.41 -6.60
N VAL D 86 28.84 16.08 -5.49
CA VAL D 86 27.65 16.94 -5.46
C VAL D 86 27.79 18.09 -6.45
N SER D 87 29.01 18.51 -6.74
CA SER D 87 29.23 19.53 -7.76
C SER D 87 28.81 19.04 -9.14
N TYR D 88 29.27 17.84 -9.51
CA TYR D 88 28.84 17.25 -10.77
C TYR D 88 27.32 17.17 -10.83
N VAL D 89 26.69 16.72 -9.75
CA VAL D 89 25.23 16.63 -9.70
C VAL D 89 24.62 18.00 -9.98
N ASN D 90 24.91 18.97 -9.11
CA ASN D 90 24.34 20.31 -9.25
C ASN D 90 24.68 20.96 -10.57
N THR D 91 25.73 20.51 -11.24
CA THR D 91 26.15 21.14 -12.49
C THR D 91 25.46 20.56 -13.70
N ASN D 92 25.12 19.27 -13.68
CA ASN D 92 24.47 18.65 -14.84
C ASN D 92 23.01 18.27 -14.55
N MET D 93 22.79 17.44 -13.55
CA MET D 93 21.44 16.90 -13.35
C MET D 93 20.57 17.91 -12.63
N GLY D 94 21.11 18.56 -11.61
CA GLY D 94 20.37 19.63 -10.97
C GLY D 94 20.00 20.72 -11.96
N LEU D 95 20.89 21.02 -12.90
CA LEU D 95 20.61 22.07 -13.87
C LEU D 95 19.50 21.63 -14.84
N LYS D 96 19.60 20.41 -15.36
CA LYS D 96 18.53 19.93 -16.23
C LYS D 96 17.19 19.93 -15.52
N LEU D 97 17.17 19.51 -14.26
CA LEU D 97 15.91 19.47 -13.53
C LEU D 97 15.41 20.87 -13.20
N ARG D 98 16.31 21.81 -12.97
CA ARG D 98 15.90 23.19 -12.78
C ARG D 98 15.22 23.73 -14.03
N GLN D 99 15.85 23.51 -15.18
CA GLN D 99 15.23 23.91 -16.44
C GLN D 99 13.84 23.30 -16.58
N LEU D 100 13.72 22.01 -16.31
CA LEU D 100 12.46 21.32 -16.51
C LEU D 100 11.37 21.85 -15.58
N LEU D 101 11.68 21.95 -14.28
CA LEU D 101 10.71 22.46 -13.32
C LEU D 101 10.32 23.89 -13.61
N TRP D 102 11.29 24.74 -13.94
CA TRP D 102 10.98 26.10 -14.32
C TRP D 102 10.02 26.14 -15.49
N PHE D 103 10.35 25.42 -16.58
CA PHE D 103 9.50 25.43 -17.76
C PHE D 103 8.08 25.01 -17.41
N HIS D 104 7.92 23.96 -16.60
CA HIS D 104 6.59 23.43 -16.37
C HIS D 104 5.80 24.30 -15.40
N ILE D 105 6.41 24.73 -14.31
CA ILE D 105 5.72 25.62 -13.37
C ILE D 105 5.30 26.90 -14.07
N SER D 106 6.15 27.43 -14.96
CA SER D 106 5.80 28.64 -15.68
C SER D 106 4.67 28.40 -16.67
N CYS D 107 4.77 27.33 -17.48
CA CYS D 107 3.72 27.05 -18.43
C CYS D 107 2.40 26.75 -17.74
N LEU D 108 2.44 26.37 -16.47
CA LEU D 108 1.22 26.18 -15.71
C LEU D 108 0.71 27.49 -15.15
N THR D 109 1.61 28.36 -14.70
CA THR D 109 1.21 29.59 -14.04
C THR D 109 0.85 30.68 -15.05
N PHE D 110 1.68 30.85 -16.07
CA PHE D 110 1.50 31.95 -17.02
C PHE D 110 0.99 31.50 -18.38
N GLY D 111 1.46 30.39 -18.90
CA GLY D 111 1.02 29.87 -20.18
C GLY D 111 2.19 29.54 -21.08
N ARG D 112 1.96 28.57 -21.96
CA ARG D 112 3.02 28.13 -22.87
C ARG D 112 3.38 29.24 -23.86
N GLU D 113 2.36 29.89 -24.42
CA GLU D 113 2.62 30.99 -25.36
C GLU D 113 3.44 32.08 -24.68
N THR D 114 2.99 32.52 -23.50
CA THR D 114 3.71 33.55 -22.77
C THR D 114 5.13 33.12 -22.45
N VAL D 115 5.33 31.85 -22.09
CA VAL D 115 6.67 31.40 -21.73
C VAL D 115 7.59 31.38 -22.93
N ILE D 116 7.08 30.98 -24.10
CA ILE D 116 7.92 30.97 -25.29
C ILE D 116 8.25 32.39 -25.74
N GLU D 117 7.25 33.28 -25.69
CA GLU D 117 7.53 34.69 -25.99
C GLU D 117 8.55 35.25 -25.01
N TYR D 118 8.47 34.85 -23.75
CA TYR D 118 9.45 35.31 -22.77
C TYR D 118 10.84 34.81 -23.13
N LEU D 119 10.95 33.55 -23.56
CA LEU D 119 12.25 33.02 -23.93
C LEU D 119 12.83 33.78 -25.10
N VAL D 120 12.01 34.08 -26.11
CA VAL D 120 12.48 34.83 -27.26
C VAL D 120 12.95 36.21 -26.85
N SER D 121 12.13 36.92 -26.07
CA SER D 121 12.46 38.27 -25.66
C SER D 121 13.70 38.30 -24.78
N PHE D 122 13.85 37.31 -23.90
CA PHE D 122 15.04 37.24 -23.07
C PHE D 122 16.27 36.90 -23.88
N GLY D 123 16.11 36.13 -24.96
CA GLY D 123 17.23 35.94 -25.86
C GLY D 123 17.65 37.25 -26.51
N VAL D 124 16.68 37.99 -27.03
CA VAL D 124 16.96 39.33 -27.55
C VAL D 124 17.74 40.13 -26.53
N TRP D 125 17.23 40.19 -25.30
CA TRP D 125 17.84 40.99 -24.25
C TRP D 125 19.27 40.56 -23.99
N ILE D 126 19.46 39.30 -23.57
CA ILE D 126 20.77 38.81 -23.17
C ILE D 126 21.75 38.70 -24.34
N ARG D 127 21.27 38.83 -25.58
CA ARG D 127 22.17 38.96 -26.71
C ARG D 127 22.56 40.41 -26.96
N THR D 128 21.66 41.34 -26.72
CA THR D 128 21.97 42.75 -26.86
C THR D 128 23.18 43.11 -26.00
N PRO D 129 24.25 43.66 -26.57
CA PRO D 129 25.39 44.05 -25.76
C PRO D 129 24.98 44.94 -24.60
N PRO D 130 25.75 44.96 -23.51
CA PRO D 130 25.31 45.71 -22.33
C PRO D 130 25.15 47.19 -22.55
N ALA D 131 26.00 47.79 -23.39
CA ALA D 131 25.92 49.23 -23.62
C ALA D 131 24.57 49.65 -24.19
N TYR D 132 23.83 48.73 -24.79
CA TYR D 132 22.53 49.01 -25.38
C TYR D 132 21.45 48.12 -24.79
N ARG D 133 21.72 47.53 -23.64
CA ARG D 133 20.79 46.63 -22.99
C ARG D 133 20.01 47.36 -21.93
N PRO D 134 18.69 47.50 -22.06
CA PRO D 134 17.91 48.12 -21.01
C PRO D 134 18.09 47.38 -19.70
N PRO D 135 17.90 48.06 -18.57
CA PRO D 135 18.08 47.38 -17.28
C PRO D 135 16.84 46.61 -16.86
N ASN D 136 15.67 47.08 -17.32
CA ASN D 136 14.40 46.45 -16.98
C ASN D 136 14.22 45.24 -17.89
N ALA D 137 14.95 44.19 -17.57
CA ALA D 137 14.84 42.92 -18.27
C ALA D 137 13.40 42.45 -18.31
N PRO D 138 13.04 41.58 -19.26
CA PRO D 138 11.70 41.02 -19.26
C PRO D 138 11.51 40.09 -18.08
N ILE D 139 10.25 39.90 -17.71
CA ILE D 139 9.92 39.08 -16.56
C ILE D 139 8.49 38.61 -16.70
N LEU D 140 8.23 37.41 -16.19
CA LEU D 140 6.90 36.83 -16.22
C LEU D 140 6.10 37.34 -15.03
N SER D 141 4.93 37.91 -15.31
CA SER D 141 4.11 38.49 -14.25
C SER D 141 2.65 38.39 -14.61
N THR D 142 1.82 38.29 -13.57
CA THR D 142 0.37 38.39 -13.71
C THR D 142 -0.12 39.82 -13.55
N LEU D 143 0.70 40.68 -12.97
CA LEU D 143 0.39 42.08 -12.72
C LEU D 143 1.37 42.98 -13.46
N PRO D 144 1.01 44.25 -13.69
CA PRO D 144 1.95 45.18 -14.33
C PRO D 144 3.26 45.33 -13.57
N UNK E 1 39.09 10.62 -8.54
CA UNK E 1 38.76 10.95 -7.13
C UNK E 1 39.15 9.78 -6.24
N UNK E 2 39.80 10.05 -5.11
CA UNK E 2 40.08 8.95 -4.17
C UNK E 2 38.73 8.46 -3.68
N UNK E 3 38.50 7.14 -3.66
CA UNK E 3 37.15 6.72 -3.28
C UNK E 3 37.08 5.26 -2.84
N UNK E 4 36.18 4.94 -1.91
CA UNK E 4 36.00 3.55 -1.44
C UNK E 4 34.60 3.43 -0.81
N UNK E 5 34.03 2.23 -0.75
CA UNK E 5 32.65 2.09 -0.23
C UNK E 5 32.64 1.36 1.10
N UNK E 6 31.86 1.85 2.07
CA UNK E 6 31.87 1.26 3.42
C UNK E 6 30.70 1.82 4.24
N UNK F 1 4.62 -28.68 30.59
CA UNK F 1 5.20 -28.92 29.24
C UNK F 1 6.40 -28.01 29.02
N UNK F 2 6.34 -27.13 28.02
CA UNK F 2 7.51 -26.29 27.69
C UNK F 2 7.38 -24.88 28.27
N UNK F 3 8.32 -24.47 29.13
CA UNK F 3 8.11 -23.11 29.69
C UNK F 3 9.39 -22.38 30.12
N UNK F 4 9.36 -21.05 30.05
CA UNK F 4 10.45 -20.22 30.58
C UNK F 4 9.76 -19.14 31.42
N UNK F 5 10.35 -18.71 32.54
CA UNK F 5 9.64 -17.74 33.43
C UNK F 5 9.37 -16.39 32.76
N UNK F 6 10.36 -15.78 32.11
CA UNK F 6 10.19 -14.41 31.54
C UNK F 6 11.47 -13.97 30.83
#